data_8XS7
#
_entry.id   8XS7
#
_cell.length_a   68.330
_cell.length_b   98.514
_cell.length_c   80.372
_cell.angle_alpha   90.00
_cell.angle_beta   90.49
_cell.angle_gamma   90.00
#
_symmetry.space_group_name_H-M   'P 1 21 1'
#
loop_
_entity.id
_entity.type
_entity.pdbx_description
1 polymer 'Aryl hydrocarbon receptor nuclear translocator'
2 polymer 'Aryl hydrocarbon receptor'
3 polymer DNAF
4 polymer DNAR
5 non-polymer 2,3-DIHYDROXY-1,4-DITHIOBUTANE
6 non-polymer 5,11-dihydroindolo[3,2-b]carbazole-12-carbaldehyde
7 water water
#
loop_
_entity_poly.entity_id
_entity_poly.type
_entity_poly.pdbx_seq_one_letter_code
_entity_poly.pdbx_strand_id
1 'polypeptide(L)'
;MDKERLARENHSEIERRRRNKMTAYITELSDMVPTCSALARKPDKLTILRMAVSHMKSLRGTGNTSTDGSYKPSFLTDQE
LKHLILEAADGFLFIVSCETGRVVYVSDSVTPVLNQPQSEWFGSTLYDQVHPDDVDKLREQLSTSENALTGRILDLKTGT
VKKEGQQSSMRMCMGSRRSFICRMRCGSSSVDPVSVNRLSFVRNRCRNGLGSVKDGEPHFVVVHCTGYIKAWPPAGVSLP
DDDPEAGQGSKFCLVAIGRLQVTSSPNCTDMSNVCQPTEFISRHNIEGIFTFVDHRCVATVGYQPQELLGKNIVEFCHPE
DQQLLRDSFQQVVKLKGQVLSVMFRFRSKNQEWLWMRTSSFTFQNPYSDEIEYIICTNTNVK
;
A
2 'polypeptide(L)'
;MIPAEGIKSNPSKRHRDRLNTELDRLASLLPFPQDVINKLDKLSVLRLSVSYLRAKSFFDVSLKSSPADRNGVQDNCRTK
FREGLNLQEGEFLLQALNGFVLVVTTDALVFYASSTIQDYLGFQQSDVIHQSVYELIHTEDRAEFQRQLHWALNPSQCPD
SGQRIDEASGLSQPAAYYNPEQLPPENSFMERCFVCRLRCLLDNSSGFLAMNFQGRLKYLHGQNKKGKDGSILPPQLALF
AIATPLQPPSILEIRTKNFIFRTKHKLDFTPTGCDAKGKIVLGYTEAELCMRGTGYQFIHAADMLYCAEYHVRMIKTGES
GMIVFRLLTKDNRWTWVQSNARLVYKNGRPDYIIATQRPLTDEEGKEHLRKRTLKLPFMFATGEAVLYEHHHHHH
;
B
3 'polydeoxyribonucleotide'
;(DC)(DA)(DT)(DC)(DG)(DG)(DG)(DC)(DA)(DT)(DC)(DG)(DC)(DG)(DT)(DG)(DA)(DC)(DA)(DA)
(DG)
;
C
4 'polydeoxyribonucleotide'
;(DG)(DC)(DT)(DT)(DG)(DT)(DC)(DA)(DC)(DG)(DC)(DG)(DA)(DT)(DG)(DC)(DC)(DC)(DG)(DA)
(DT)
;
D
#
# COMPACT_ATOMS: atom_id res chain seq x y z
N MET A 1 2.55 13.66 50.53
CA MET A 1 3.39 14.54 51.37
C MET A 1 2.80 15.94 51.32
N ASP A 2 1.62 16.07 51.90
CA ASP A 2 0.79 17.31 51.90
C ASP A 2 0.17 17.63 50.55
N LYS A 3 -0.72 16.76 50.09
CA LYS A 3 -1.37 16.87 48.76
C LYS A 3 -1.65 18.29 48.30
N GLU A 4 -2.17 19.12 49.19
CA GLU A 4 -2.52 20.51 48.83
C GLU A 4 -1.27 21.25 48.37
N ARG A 5 -0.11 20.99 48.98
CA ARG A 5 1.11 21.65 48.56
C ARG A 5 1.68 21.04 47.29
N LEU A 6 1.58 19.71 47.15
CA LEU A 6 2.04 19.07 45.91
C LEU A 6 1.24 19.57 44.72
N ALA A 7 -0.09 19.61 44.86
CA ALA A 7 -0.94 20.15 43.79
C ALA A 7 -0.55 21.58 43.47
N ARG A 8 -0.37 22.41 44.50
CA ARG A 8 -0.02 23.82 44.29
C ARG A 8 1.28 23.95 43.52
N GLU A 9 2.32 23.22 43.94
CA GLU A 9 3.64 23.36 43.32
C GLU A 9 3.63 22.85 41.88
N ASN A 10 2.98 21.71 41.63
CA ASN A 10 2.94 21.21 40.26
C ASN A 10 2.13 22.11 39.35
N HIS A 11 1.06 22.73 39.86
CA HIS A 11 0.30 23.68 39.06
C HIS A 11 1.12 24.93 38.74
N SER A 12 1.83 25.45 39.75
CA SER A 12 2.71 26.59 39.54
C SER A 12 3.73 26.30 38.45
N GLU A 13 4.40 25.14 38.55
CA GLU A 13 5.40 24.81 37.54
C GLU A 13 4.76 24.54 36.18
N ILE A 14 3.51 24.05 36.16
CA ILE A 14 2.83 23.81 34.89
C ILE A 14 2.64 25.11 34.13
N GLU A 15 2.10 26.13 34.79
CA GLU A 15 1.97 27.36 34.00
C GLU A 15 3.28 28.13 33.90
N ARG A 16 4.29 27.81 34.71
CA ARG A 16 5.63 28.31 34.41
C ARG A 16 6.10 27.79 33.06
N ARG A 17 5.92 26.48 32.82
CA ARG A 17 6.21 25.91 31.50
C ARG A 17 5.35 26.56 30.42
N ARG A 18 4.10 26.88 30.75
CA ARG A 18 3.23 27.55 29.77
C ARG A 18 3.80 28.92 29.38
N ARG A 19 4.20 29.72 30.38
CA ARG A 19 4.81 31.01 30.10
C ARG A 19 6.06 30.86 29.26
N ASN A 20 6.90 29.87 29.58
CA ASN A 20 8.13 29.66 28.82
C ASN A 20 7.81 29.28 27.37
N LYS A 21 6.78 28.45 27.17
CA LYS A 21 6.36 28.10 25.81
C LYS A 21 5.89 29.33 25.04
N MET A 22 5.11 30.20 25.70
CA MET A 22 4.66 31.42 25.05
C MET A 22 5.83 32.29 24.64
N THR A 23 6.80 32.47 25.54
CA THR A 23 7.97 33.28 25.23
C THR A 23 8.78 32.68 24.08
N ALA A 24 8.93 31.35 24.07
CA ALA A 24 9.69 30.72 23.00
C ALA A 24 8.99 30.86 21.65
N TYR A 25 7.67 30.74 21.63
CA TYR A 25 6.92 30.93 20.39
C TYR A 25 7.03 32.37 19.91
N ILE A 26 7.02 33.33 20.84
CA ILE A 26 7.19 34.73 20.45
C ILE A 26 8.58 34.96 19.88
N THR A 27 9.59 34.29 20.44
CA THR A 27 10.95 34.40 19.92
C THR A 27 11.05 33.81 18.51
N GLU A 28 10.40 32.67 18.28
CA GLU A 28 10.36 32.12 16.93
C GLU A 28 9.71 33.10 15.96
N LEU A 29 8.58 33.69 16.36
CA LEU A 29 7.94 34.71 15.54
C LEU A 29 8.91 35.85 15.22
N SER A 30 9.62 36.32 16.24
CA SER A 30 10.64 37.35 16.02
C SER A 30 11.67 36.90 15.00
N ASP A 31 12.02 35.61 15.02
CA ASP A 31 12.99 35.10 14.07
C ASP A 31 12.44 34.98 12.66
N MET A 32 11.12 34.89 12.50
CA MET A 32 10.54 34.51 11.22
C MET A 32 9.84 35.64 10.45
N VAL A 33 9.71 36.79 11.09
CA VAL A 33 9.05 37.95 10.43
C VAL A 33 10.11 38.82 9.77
N PRO A 34 9.70 39.60 8.75
CA PRO A 34 10.58 40.47 7.98
C PRO A 34 11.49 41.49 8.65
N THR A 35 10.91 42.61 9.07
CA THR A 35 11.64 43.75 9.68
C THR A 35 12.66 43.32 10.74
N CYS A 36 12.33 42.40 11.67
CA CYS A 36 13.32 41.93 12.67
C CYS A 36 13.93 40.60 12.21
N LYS A 42 16.47 44.99 19.65
CA LYS A 42 15.56 43.90 19.98
C LYS A 42 14.22 44.47 20.40
N PRO A 43 13.14 44.01 19.78
CA PRO A 43 11.80 44.49 20.12
C PRO A 43 11.16 43.62 21.21
N ASP A 44 10.12 44.17 21.81
CA ASP A 44 9.42 43.51 22.91
C ASP A 44 8.30 42.63 22.35
N LYS A 45 7.48 42.05 23.23
CA LYS A 45 6.49 41.07 22.80
C LYS A 45 5.42 41.68 21.92
N LEU A 46 4.90 42.85 22.31
CA LEU A 46 3.83 43.47 21.54
C LEU A 46 4.31 43.88 20.15
N THR A 47 5.53 44.38 20.05
CA THR A 47 6.11 44.69 18.74
C THR A 47 6.16 43.46 17.85
N ILE A 48 6.67 42.34 18.40
CA ILE A 48 6.80 41.12 17.62
C ILE A 48 5.43 40.60 17.20
N LEU A 49 4.44 40.70 18.09
CA LEU A 49 3.10 40.22 17.75
C LEU A 49 2.46 41.08 16.67
N ARG A 50 2.63 42.40 16.75
CA ARG A 50 2.06 43.27 15.74
C ARG A 50 2.74 43.06 14.38
N MET A 51 4.05 42.83 14.38
CA MET A 51 4.73 42.55 13.12
C MET A 51 4.38 41.15 12.59
N ALA A 52 4.05 40.21 13.48
CA ALA A 52 3.57 38.92 13.03
C ALA A 52 2.20 39.06 12.37
N VAL A 53 1.32 39.87 12.96
CA VAL A 53 0.04 40.17 12.31
C VAL A 53 0.27 40.82 10.96
N SER A 54 1.22 41.76 10.90
CA SER A 54 1.64 42.35 9.63
C SER A 54 1.95 41.29 8.59
N HIS A 55 2.90 40.41 8.90
CA HIS A 55 3.37 39.42 7.93
C HIS A 55 2.26 38.45 7.56
N MET A 56 1.45 38.01 8.53
CA MET A 56 0.41 37.03 8.24
C MET A 56 -0.71 37.64 7.42
N LYS A 57 -1.04 38.91 7.65
CA LYS A 57 -1.98 39.60 6.78
C LYS A 57 -1.44 39.71 5.36
N SER A 58 -0.13 39.92 5.23
CA SER A 58 0.48 39.96 3.91
C SER A 58 0.38 38.59 3.22
N LEU A 59 0.70 37.51 3.94
CA LEU A 59 0.81 36.20 3.32
C LEU A 59 -0.55 35.60 2.97
N ARG A 60 -1.59 35.93 3.74
CA ARG A 60 -2.92 35.38 3.49
C ARG A 60 -3.71 36.26 2.53
N PRO A 73 -10.74 26.73 3.86
CA PRO A 73 -9.33 27.10 3.97
C PRO A 73 -8.45 25.92 4.34
N SER A 74 -7.17 25.98 3.98
CA SER A 74 -6.23 24.92 4.27
C SER A 74 -4.89 25.51 4.69
N PHE A 75 -4.15 24.74 5.49
CA PHE A 75 -2.84 25.18 5.94
C PHE A 75 -1.92 25.45 4.77
N LEU A 76 -1.91 24.57 3.78
CA LEU A 76 -1.12 24.73 2.57
C LEU A 76 -2.02 25.04 1.39
N THR A 77 -1.41 25.59 0.34
CA THR A 77 -2.09 25.66 -0.94
C THR A 77 -2.10 24.28 -1.58
N ASP A 78 -2.86 24.16 -2.67
CA ASP A 78 -2.86 22.90 -3.40
C ASP A 78 -1.48 22.60 -3.98
N GLN A 79 -0.81 23.63 -4.49
CA GLN A 79 0.52 23.44 -5.05
C GLN A 79 1.55 23.14 -3.97
N GLU A 80 1.41 23.72 -2.79
CA GLU A 80 2.32 23.39 -1.69
C GLU A 80 2.15 21.94 -1.24
N LEU A 81 0.90 21.48 -1.14
CA LEU A 81 0.64 20.09 -0.79
C LEU A 81 1.21 19.15 -1.84
N LYS A 82 0.97 19.46 -3.12
CA LYS A 82 1.53 18.64 -4.19
C LYS A 82 3.05 18.62 -4.14
N HIS A 83 3.66 19.77 -3.88
CA HIS A 83 5.11 19.85 -3.77
C HIS A 83 5.62 18.95 -2.65
N LEU A 84 4.95 19.00 -1.49
CA LEU A 84 5.36 18.16 -0.37
C LEU A 84 5.28 16.68 -0.73
N ILE A 85 4.16 16.27 -1.33
CA ILE A 85 3.98 14.86 -1.67
C ILE A 85 5.04 14.41 -2.67
N LEU A 86 5.27 15.21 -3.71
CA LEU A 86 6.20 14.83 -4.76
C LEU A 86 7.64 14.82 -4.26
N GLU A 87 8.01 15.79 -3.42
CA GLU A 87 9.32 15.74 -2.77
C GLU A 87 9.44 14.51 -1.89
N ALA A 88 8.33 14.08 -1.28
CA ALA A 88 8.37 12.93 -0.39
C ALA A 88 8.67 11.65 -1.15
N ALA A 89 7.91 11.35 -2.21
CA ALA A 89 8.07 10.05 -2.84
C ALA A 89 7.68 10.06 -4.32
N ASP A 90 8.01 11.15 -5.02
CA ASP A 90 7.88 11.21 -6.48
C ASP A 90 6.44 10.88 -6.89
N GLY A 91 6.27 10.30 -8.07
CA GLY A 91 4.98 9.86 -8.56
C GLY A 91 4.33 10.86 -9.49
N PHE A 92 3.47 10.36 -10.37
CA PHE A 92 2.65 11.21 -11.22
C PHE A 92 1.19 10.79 -11.08
N LEU A 93 0.31 11.78 -11.01
CA LEU A 93 -1.11 11.54 -10.85
C LEU A 93 -1.78 11.30 -12.19
N PHE A 94 -2.67 10.31 -12.24
CA PHE A 94 -3.48 10.08 -13.42
C PHE A 94 -4.89 9.69 -13.00
N ILE A 95 -5.85 10.12 -13.81
CA ILE A 95 -7.27 9.91 -13.57
C ILE A 95 -7.86 9.35 -14.86
N VAL A 96 -8.35 8.11 -14.80
CA VAL A 96 -8.87 7.42 -15.97
C VAL A 96 -10.29 6.94 -15.69
N SER A 97 -11.07 6.79 -16.76
CA SER A 97 -12.43 6.29 -16.62
C SER A 97 -12.42 4.78 -16.41
N CYS A 98 -13.26 4.31 -15.50
CA CYS A 98 -13.35 2.87 -15.23
C CYS A 98 -13.94 2.11 -16.40
N GLU A 99 -14.71 2.78 -17.26
CA GLU A 99 -15.35 2.14 -18.39
C GLU A 99 -14.33 1.69 -19.42
N THR A 100 -13.67 2.66 -20.07
CA THR A 100 -12.77 2.37 -21.18
C THR A 100 -11.30 2.60 -20.84
N GLY A 101 -10.98 3.02 -19.63
CA GLY A 101 -9.62 3.41 -19.32
C GLY A 101 -9.20 4.73 -19.94
N ARG A 102 -10.16 5.51 -20.46
CA ARG A 102 -9.84 6.76 -21.11
C ARG A 102 -9.20 7.73 -20.12
N VAL A 103 -8.06 8.29 -20.51
CA VAL A 103 -7.30 9.18 -19.63
C VAL A 103 -8.04 10.51 -19.53
N VAL A 104 -8.68 10.74 -18.38
CA VAL A 104 -9.31 12.04 -18.15
C VAL A 104 -8.27 13.09 -17.81
N TYR A 105 -7.31 12.74 -16.95
CA TYR A 105 -6.33 13.72 -16.50
C TYR A 105 -4.98 13.05 -16.27
N VAL A 106 -3.92 13.81 -16.53
CA VAL A 106 -2.56 13.40 -16.18
C VAL A 106 -1.78 14.66 -15.82
N SER A 107 -0.96 14.54 -14.76
CA SER A 107 -0.20 15.69 -14.29
C SER A 107 1.06 15.87 -15.14
N ASP A 108 1.69 17.04 -14.96
CA ASP A 108 2.98 17.28 -15.61
C ASP A 108 4.06 16.37 -15.05
N SER A 109 3.86 15.83 -13.85
CA SER A 109 4.81 14.88 -13.28
C SER A 109 5.06 13.69 -14.19
N VAL A 110 4.18 13.43 -15.16
CA VAL A 110 4.39 12.32 -16.08
C VAL A 110 5.66 12.51 -16.90
N THR A 111 6.16 13.74 -17.01
CA THR A 111 7.38 13.95 -17.80
C THR A 111 8.63 13.56 -17.00
N PRO A 112 8.80 13.98 -15.74
CA PRO A 112 9.96 13.48 -14.98
C PRO A 112 9.86 12.03 -14.56
N VAL A 113 8.66 11.43 -14.58
CA VAL A 113 8.52 10.03 -14.16
C VAL A 113 8.70 9.07 -15.34
N LEU A 114 7.98 9.28 -16.43
CA LEU A 114 7.99 8.33 -17.54
C LEU A 114 8.73 8.83 -18.77
N ASN A 115 9.27 10.05 -18.74
CA ASN A 115 9.85 10.68 -19.92
C ASN A 115 8.85 10.67 -21.07
N GLN A 116 7.68 11.23 -20.79
CA GLN A 116 6.57 11.31 -21.72
C GLN A 116 5.89 12.66 -21.55
N PRO A 117 5.50 13.31 -22.64
CA PRO A 117 4.78 14.58 -22.51
C PRO A 117 3.39 14.37 -21.92
N GLN A 118 2.92 15.38 -21.18
CA GLN A 118 1.53 15.41 -20.73
C GLN A 118 0.60 15.06 -21.88
N SER A 119 1.11 15.24 -23.08
CA SER A 119 0.35 15.07 -24.34
C SER A 119 0.20 13.63 -24.81
N GLU A 120 1.11 12.71 -24.48
CA GLU A 120 0.89 11.34 -25.01
C GLU A 120 -0.22 10.66 -24.23
N TRP A 121 -0.49 11.08 -23.01
CA TRP A 121 -1.53 10.40 -22.24
C TRP A 121 -2.93 10.95 -22.50
N PHE A 122 -3.06 12.24 -22.76
CA PHE A 122 -4.37 12.82 -23.03
C PHE A 122 -4.94 12.28 -24.33
N GLY A 123 -6.27 12.24 -24.41
CA GLY A 123 -6.93 11.64 -25.55
C GLY A 123 -6.56 10.20 -25.79
N SER A 124 -6.01 9.53 -24.79
CA SER A 124 -5.55 8.16 -24.93
C SER A 124 -6.24 7.25 -23.92
N THR A 125 -5.68 6.06 -23.71
CA THR A 125 -6.29 5.06 -22.85
C THR A 125 -5.20 4.39 -22.04
N LEU A 126 -5.49 4.12 -20.76
CA LEU A 126 -4.51 3.49 -19.89
C LEU A 126 -4.02 2.15 -20.44
N TYR A 127 -4.89 1.43 -21.15
CA TYR A 127 -4.47 0.17 -21.77
C TYR A 127 -3.43 0.42 -22.85
N ASP A 128 -3.52 1.55 -23.55
CA ASP A 128 -2.54 1.86 -24.60
C ASP A 128 -1.19 2.27 -24.03
N GLN A 129 -1.13 2.62 -22.74
CA GLN A 129 0.11 3.07 -22.13
C GLN A 129 0.87 1.98 -21.40
N VAL A 130 0.26 0.80 -21.21
CA VAL A 130 0.88 -0.28 -20.45
C VAL A 130 1.30 -1.39 -21.40
N HIS A 131 2.02 -2.36 -20.85
CA HIS A 131 2.41 -3.54 -21.61
C HIS A 131 1.18 -4.35 -21.98
N PRO A 132 1.13 -4.92 -23.18
CA PRO A 132 -0.04 -5.76 -23.54
C PRO A 132 -0.29 -6.89 -22.56
N ASP A 133 0.76 -7.60 -22.15
CA ASP A 133 0.63 -8.69 -21.18
C ASP A 133 0.02 -8.24 -19.86
N ASP A 134 -0.20 -6.93 -19.67
CA ASP A 134 -0.80 -6.41 -18.45
C ASP A 134 -2.22 -5.93 -18.62
N VAL A 135 -2.69 -5.71 -19.86
CA VAL A 135 -3.98 -5.05 -20.05
C VAL A 135 -5.09 -5.82 -19.35
N ASP A 136 -5.02 -7.15 -19.40
CA ASP A 136 -6.00 -7.97 -18.69
C ASP A 136 -6.07 -7.60 -17.22
N LYS A 137 -4.91 -7.62 -16.54
CA LYS A 137 -4.87 -7.21 -15.14
C LYS A 137 -5.44 -5.82 -14.96
N LEU A 138 -5.19 -4.93 -15.92
CA LEU A 138 -5.75 -3.58 -15.83
C LEU A 138 -7.26 -3.62 -15.75
N ARG A 139 -7.89 -4.40 -16.65
CA ARG A 139 -9.34 -4.59 -16.55
C ARG A 139 -9.72 -5.08 -15.17
N GLU A 140 -8.95 -6.03 -14.63
CA GLU A 140 -9.18 -6.52 -13.28
C GLU A 140 -9.28 -5.38 -12.29
N GLN A 141 -8.37 -4.40 -12.38
CA GLN A 141 -8.34 -3.32 -11.41
C GLN A 141 -9.35 -2.22 -11.70
N LEU A 142 -9.99 -2.23 -12.88
CA LEU A 142 -10.88 -1.14 -13.26
C LEU A 142 -12.36 -1.50 -13.19
N SER A 143 -12.70 -2.79 -13.17
CA SER A 143 -14.10 -3.19 -13.22
C SER A 143 -14.81 -2.87 -11.91
N THR A 144 -16.04 -2.38 -12.03
CA THR A 144 -16.93 -2.16 -10.89
C THR A 144 -16.29 -1.31 -9.79
N SER A 176 -13.22 0.68 -3.28
CA SER A 176 -12.54 1.94 -2.99
C SER A 176 -11.08 1.91 -3.40
N ARG A 177 -10.22 1.44 -2.49
CA ARG A 177 -8.78 1.48 -2.73
C ARG A 177 -8.37 0.45 -3.79
N ARG A 178 -7.32 0.80 -4.53
CA ARG A 178 -6.71 -0.06 -5.53
C ARG A 178 -5.20 0.12 -5.46
N SER A 179 -4.47 -0.98 -5.63
CA SER A 179 -3.01 -0.93 -5.61
C SER A 179 -2.50 -2.07 -6.49
N PHE A 180 -1.67 -1.72 -7.48
CA PHE A 180 -1.16 -2.74 -8.39
C PHE A 180 0.20 -2.34 -8.92
N ILE A 181 0.77 -3.21 -9.74
CA ILE A 181 2.10 -3.03 -10.33
C ILE A 181 2.00 -3.38 -11.81
N CYS A 182 2.42 -2.45 -12.67
CA CYS A 182 2.30 -2.65 -14.11
C CYS A 182 3.59 -2.23 -14.79
N ARG A 183 3.58 -2.27 -16.12
CA ARG A 183 4.70 -1.80 -16.93
C ARG A 183 4.17 -0.77 -17.92
N MET A 184 4.63 0.47 -17.78
CA MET A 184 4.22 1.56 -18.65
C MET A 184 5.37 1.90 -19.60
N ARG A 185 5.02 2.38 -20.79
CA ARG A 185 6.03 2.70 -21.79
C ARG A 185 6.58 4.10 -21.58
N CYS A 186 7.86 4.27 -21.90
CA CYS A 186 8.54 5.56 -21.78
C CYS A 186 8.73 6.21 -23.16
N GLU A 217 13.04 1.35 -30.81
CA GLU A 217 12.21 0.34 -30.18
C GLU A 217 11.57 0.88 -28.90
N PRO A 218 10.35 0.42 -28.61
CA PRO A 218 9.69 0.86 -27.38
C PRO A 218 10.32 0.22 -26.16
N HIS A 219 10.24 0.93 -25.04
CA HIS A 219 10.82 0.47 -23.79
C HIS A 219 9.84 0.71 -22.65
N PHE A 220 9.71 -0.28 -21.77
CA PHE A 220 8.74 -0.24 -20.69
C PHE A 220 9.47 -0.17 -19.35
N VAL A 221 8.69 0.12 -18.32
CA VAL A 221 9.24 0.31 -16.98
C VAL A 221 8.20 -0.08 -15.95
N VAL A 222 8.66 -0.68 -14.85
CA VAL A 222 7.77 -1.10 -13.79
C VAL A 222 7.30 0.11 -13.00
N VAL A 223 5.99 0.23 -12.82
CA VAL A 223 5.38 1.33 -12.09
C VAL A 223 4.41 0.78 -11.06
N HIS A 224 4.57 1.19 -9.80
N HIS A 224 4.56 1.21 -9.81
CA HIS A 224 3.63 0.87 -8.74
CA HIS A 224 3.64 0.88 -8.74
C HIS A 224 2.57 1.96 -8.69
C HIS A 224 2.57 1.96 -8.69
N CYS A 225 1.30 1.56 -8.79
CA CYS A 225 0.18 2.47 -8.82
C CYS A 225 -0.70 2.28 -7.60
N THR A 226 -1.05 3.39 -6.96
CA THR A 226 -1.87 3.41 -5.75
C THR A 226 -2.96 4.45 -5.94
N GLY A 227 -4.21 4.05 -5.82
CA GLY A 227 -5.29 4.98 -6.05
C GLY A 227 -6.61 4.52 -5.49
N TYR A 228 -7.68 5.17 -5.96
CA TYR A 228 -9.01 4.91 -5.44
C TYR A 228 -10.05 5.16 -6.53
N ILE A 229 -11.22 4.57 -6.33
CA ILE A 229 -12.36 4.75 -7.23
C ILE A 229 -13.19 5.91 -6.72
N LYS A 230 -13.47 6.86 -7.61
CA LYS A 230 -14.18 8.09 -7.27
C LYS A 230 -15.37 8.27 -8.19
N ALA A 231 -16.49 8.75 -7.62
CA ALA A 231 -17.66 9.06 -8.41
C ALA A 231 -17.38 10.28 -9.28
N TRP A 232 -17.76 10.19 -10.56
CA TRP A 232 -17.53 11.22 -11.55
C TRP A 232 -18.84 11.87 -11.97
N PRO A 233 -18.86 13.20 -12.23
CA PRO A 233 -17.75 14.16 -12.17
C PRO A 233 -17.41 14.60 -10.75
N PRO A 234 -16.22 15.14 -10.53
CA PRO A 234 -15.85 15.57 -9.17
C PRO A 234 -16.57 16.85 -8.77
N ALA A 235 -16.82 16.96 -7.48
CA ALA A 235 -17.47 18.16 -6.95
C ALA A 235 -16.53 19.35 -7.02
N GLY A 236 -17.10 20.52 -7.29
CA GLY A 236 -16.34 21.76 -7.37
C GLY A 236 -15.86 22.13 -8.76
N VAL A 237 -15.42 21.15 -9.54
CA VAL A 237 -14.91 21.39 -10.88
C VAL A 237 -16.09 21.61 -11.82
N SER A 238 -16.07 22.73 -12.53
CA SER A 238 -17.13 23.04 -13.48
C SER A 238 -16.87 22.35 -14.81
N LEU A 239 -17.91 21.73 -15.37
CA LEU A 239 -17.81 21.06 -16.67
C LEU A 239 -18.61 21.85 -17.70
N PRO A 240 -17.95 22.69 -18.50
CA PRO A 240 -18.68 23.50 -19.48
C PRO A 240 -19.33 22.64 -20.54
N ASP A 241 -20.18 23.28 -21.35
CA ASP A 241 -20.93 22.56 -22.37
C ASP A 241 -20.03 22.12 -23.52
N ASP A 242 -19.20 23.03 -24.03
CA ASP A 242 -18.33 22.74 -25.17
C ASP A 242 -17.07 21.98 -24.79
N ASP A 243 -16.95 21.53 -23.54
CA ASP A 243 -15.77 20.79 -23.12
C ASP A 243 -15.77 19.39 -23.73
N PRO A 244 -14.60 18.84 -24.04
CA PRO A 244 -14.55 17.45 -24.53
C PRO A 244 -14.98 16.44 -23.50
N GLU A 245 -14.80 16.74 -22.21
CA GLU A 245 -15.27 15.83 -21.16
C GLU A 245 -16.79 15.87 -21.02
N ALA A 246 -17.44 16.84 -21.64
CA ALA A 246 -18.91 17.01 -21.55
C ALA A 246 -19.71 15.87 -22.20
N GLY A 247 -19.17 15.17 -23.18
CA GLY A 247 -19.99 14.12 -23.77
C GLY A 247 -19.66 12.74 -23.25
N GLN A 248 -18.50 12.57 -22.64
CA GLN A 248 -18.07 11.26 -22.11
C GLN A 248 -19.12 10.76 -21.14
N GLY A 249 -19.24 11.42 -20.01
CA GLY A 249 -20.27 10.96 -19.10
C GLY A 249 -19.95 9.67 -18.37
N SER A 250 -18.68 9.45 -18.02
CA SER A 250 -18.32 8.27 -17.27
C SER A 250 -18.83 8.40 -15.83
N LYS A 251 -19.28 7.27 -15.27
CA LYS A 251 -19.82 7.22 -13.92
C LYS A 251 -18.77 7.06 -12.84
N PHE A 252 -17.69 6.32 -13.10
CA PHE A 252 -16.64 6.12 -12.09
C PHE A 252 -15.27 6.39 -12.70
N CYS A 253 -14.32 6.74 -11.83
CA CYS A 253 -12.96 7.02 -12.26
C CYS A 253 -11.97 6.38 -11.28
N LEU A 254 -10.79 6.07 -11.79
CA LEU A 254 -9.65 5.70 -10.96
C LEU A 254 -8.72 6.89 -10.89
N VAL A 255 -8.49 7.37 -9.67
CA VAL A 255 -7.54 8.46 -9.39
C VAL A 255 -6.36 7.83 -8.67
N ALA A 256 -5.18 7.88 -9.28
CA ALA A 256 -4.05 7.12 -8.76
C ALA A 256 -2.75 7.88 -8.95
N ILE A 257 -1.75 7.46 -8.17
CA ILE A 257 -0.37 7.90 -8.32
C ILE A 257 0.44 6.72 -8.86
N GLY A 258 1.31 6.99 -9.81
CA GLY A 258 2.24 6.00 -10.32
C GLY A 258 3.68 6.38 -10.02
N ARG A 259 4.44 5.45 -9.45
CA ARG A 259 5.83 5.69 -9.08
C ARG A 259 6.73 4.61 -9.65
N LEU A 260 7.92 5.00 -10.10
CA LEU A 260 8.91 4.04 -10.56
C LEU A 260 9.57 3.38 -9.35
N GLN A 261 9.64 2.06 -9.34
CA GLN A 261 10.35 1.34 -8.29
C GLN A 261 11.11 0.16 -8.88
N PRO A 277 23.28 -19.98 1.38
CA PRO A 277 23.08 -21.41 1.15
C PRO A 277 21.72 -21.90 1.64
N THR A 278 20.67 -21.60 0.87
CA THR A 278 19.29 -21.88 1.23
C THR A 278 18.63 -22.73 0.14
N GLU A 279 17.31 -22.85 0.20
CA GLU A 279 16.54 -23.57 -0.80
C GLU A 279 15.08 -23.14 -0.71
N PHE A 280 14.36 -23.35 -1.81
CA PHE A 280 12.93 -23.05 -1.84
C PHE A 280 12.24 -24.01 -2.80
N ILE A 281 10.96 -24.26 -2.55
CA ILE A 281 10.17 -25.17 -3.35
C ILE A 281 9.32 -24.38 -4.31
N SER A 282 8.81 -25.07 -5.33
CA SER A 282 7.98 -24.44 -6.35
C SER A 282 7.17 -25.51 -7.07
N ARG A 283 6.08 -25.07 -7.67
CA ARG A 283 5.20 -25.91 -8.49
C ARG A 283 5.10 -25.30 -9.87
N HIS A 284 5.29 -26.12 -10.90
CA HIS A 284 5.25 -25.69 -12.28
C HIS A 284 4.25 -26.52 -13.07
N ASN A 285 3.77 -25.96 -14.18
CA ASN A 285 3.10 -26.82 -15.15
C ASN A 285 4.15 -27.59 -15.94
N ILE A 286 3.69 -28.52 -16.78
CA ILE A 286 4.59 -29.43 -17.47
C ILE A 286 5.34 -28.72 -18.59
N GLU A 287 5.16 -27.40 -18.70
CA GLU A 287 5.94 -26.59 -19.62
C GLU A 287 7.07 -25.85 -18.94
N GLY A 288 7.00 -25.65 -17.62
CA GLY A 288 8.04 -24.98 -16.87
C GLY A 288 7.63 -23.66 -16.27
N ILE A 289 6.37 -23.26 -16.38
CA ILE A 289 5.91 -21.97 -15.87
C ILE A 289 5.70 -22.08 -14.37
N PHE A 290 6.29 -21.15 -13.61
CA PHE A 290 6.09 -21.07 -12.18
C PHE A 290 4.61 -20.84 -11.86
N THR A 291 3.97 -21.82 -11.23
CA THR A 291 2.59 -21.65 -10.76
C THR A 291 2.49 -21.53 -9.25
N PHE A 292 3.52 -21.95 -8.51
CA PHE A 292 3.59 -21.72 -7.07
C PHE A 292 5.05 -21.50 -6.71
N VAL A 293 5.30 -20.48 -5.88
CA VAL A 293 6.66 -20.10 -5.51
C VAL A 293 6.74 -19.96 -3.99
N ASP A 294 7.69 -20.67 -3.38
CA ASP A 294 7.98 -20.49 -1.97
C ASP A 294 8.58 -19.11 -1.74
N HIS A 295 8.23 -18.51 -0.59
CA HIS A 295 8.75 -17.18 -0.27
C HIS A 295 10.28 -17.17 -0.15
N ARG A 296 10.84 -18.26 0.38
CA ARG A 296 12.29 -18.33 0.59
C ARG A 296 13.09 -18.09 -0.67
N CYS A 297 12.45 -18.08 -1.85
CA CYS A 297 13.14 -17.70 -3.07
C CYS A 297 13.86 -16.38 -2.93
N VAL A 298 13.28 -15.45 -2.15
CA VAL A 298 13.96 -14.16 -1.92
C VAL A 298 15.34 -14.39 -1.32
N ALA A 299 15.41 -15.21 -0.27
CA ALA A 299 16.71 -15.50 0.34
C ALA A 299 17.56 -16.42 -0.52
N THR A 300 17.01 -16.98 -1.60
CA THR A 300 17.71 -17.95 -2.41
C THR A 300 18.23 -17.38 -3.72
N VAL A 301 17.39 -16.65 -4.45
CA VAL A 301 17.77 -16.06 -5.73
C VAL A 301 17.49 -14.57 -5.80
N GLY A 302 16.99 -13.95 -4.72
CA GLY A 302 16.79 -12.52 -4.67
C GLY A 302 15.44 -12.05 -5.20
N TYR A 303 14.75 -12.85 -5.99
CA TYR A 303 13.48 -12.44 -6.55
C TYR A 303 12.36 -12.54 -5.53
N GLN A 304 11.36 -11.70 -5.69
CA GLN A 304 10.11 -11.88 -4.95
C GLN A 304 9.25 -12.91 -5.68
N PRO A 305 8.37 -13.61 -4.95
CA PRO A 305 7.54 -14.63 -5.61
C PRO A 305 6.73 -14.10 -6.79
N GLN A 306 6.24 -12.86 -6.71
CA GLN A 306 5.49 -12.29 -7.83
C GLN A 306 6.35 -12.10 -9.06
N GLU A 307 7.68 -12.00 -8.90
CA GLU A 307 8.56 -11.86 -10.05
C GLU A 307 8.79 -13.18 -10.78
N LEU A 308 8.56 -14.31 -10.11
CA LEU A 308 8.74 -15.62 -10.71
C LEU A 308 7.46 -16.22 -11.26
N LEU A 309 6.34 -16.06 -10.53
CA LEU A 309 5.08 -16.64 -10.95
C LEU A 309 4.68 -16.12 -12.33
N GLY A 310 4.30 -17.04 -13.22
CA GLY A 310 3.95 -16.73 -14.58
C GLY A 310 5.08 -16.90 -15.57
N LYS A 311 6.32 -16.78 -15.11
CA LYS A 311 7.49 -16.94 -15.97
C LYS A 311 7.92 -18.41 -15.99
N ASN A 312 8.43 -18.84 -17.15
CA ASN A 312 9.03 -20.16 -17.24
C ASN A 312 10.40 -20.16 -16.56
N ILE A 313 10.73 -21.29 -15.95
CA ILE A 313 12.02 -21.39 -15.25
C ILE A 313 13.18 -21.33 -16.23
N VAL A 314 12.97 -21.81 -17.46
CA VAL A 314 14.04 -21.79 -18.47
C VAL A 314 14.47 -20.38 -18.79
N GLU A 315 13.57 -19.40 -18.64
CA GLU A 315 13.93 -18.01 -18.86
C GLU A 315 15.06 -17.57 -17.94
N PHE A 316 15.16 -18.17 -16.76
CA PHE A 316 16.19 -17.79 -15.80
C PHE A 316 17.44 -18.66 -15.89
N CYS A 317 17.44 -19.64 -16.79
CA CYS A 317 18.54 -20.59 -16.88
C CYS A 317 19.59 -20.12 -17.89
N HIS A 318 20.83 -20.56 -17.68
CA HIS A 318 21.91 -20.20 -18.57
C HIS A 318 21.68 -20.82 -19.95
N PRO A 319 21.99 -20.09 -21.03
CA PRO A 319 21.69 -20.61 -22.37
C PRO A 319 22.33 -21.96 -22.67
N GLU A 320 23.48 -22.26 -22.06
CA GLU A 320 24.12 -23.56 -22.27
C GLU A 320 23.49 -24.68 -21.44
N ASP A 321 22.75 -24.33 -20.40
CA ASP A 321 22.06 -25.32 -19.56
C ASP A 321 20.57 -25.39 -19.84
N GLN A 322 20.07 -24.57 -20.77
CA GLN A 322 18.63 -24.47 -20.98
C GLN A 322 18.05 -25.76 -21.55
N GLN A 323 18.70 -26.32 -22.56
CA GLN A 323 18.21 -27.58 -23.11
C GLN A 323 18.30 -28.70 -22.08
N LEU A 324 19.37 -28.73 -21.27
CA LEU A 324 19.49 -29.73 -20.23
C LEU A 324 18.33 -29.65 -19.25
N LEU A 325 18.01 -28.45 -18.77
CA LEU A 325 16.88 -28.29 -17.86
C LEU A 325 15.57 -28.63 -18.53
N ARG A 326 15.41 -28.27 -19.81
CA ARG A 326 14.21 -28.60 -20.55
C ARG A 326 14.01 -30.11 -20.61
N ASP A 327 15.06 -30.85 -20.98
CA ASP A 327 14.95 -32.30 -21.05
C ASP A 327 14.75 -32.92 -19.68
N SER A 328 15.27 -32.30 -18.62
CA SER A 328 14.93 -32.75 -17.26
C SER A 328 13.43 -32.64 -17.03
N PHE A 329 12.84 -31.51 -17.41
CA PHE A 329 11.40 -31.34 -17.24
C PHE A 329 10.61 -32.33 -18.11
N GLN A 330 11.09 -32.59 -19.33
CA GLN A 330 10.40 -33.52 -20.21
C GLN A 330 10.50 -34.95 -19.72
N GLN A 331 11.62 -35.31 -19.07
CA GLN A 331 11.80 -36.67 -18.58
C GLN A 331 11.06 -36.92 -17.27
N VAL A 332 10.95 -35.90 -16.41
CA VAL A 332 10.25 -36.11 -15.14
C VAL A 332 8.77 -36.39 -15.36
N VAL A 333 8.23 -36.03 -16.52
CA VAL A 333 6.84 -36.32 -16.82
C VAL A 333 6.67 -37.76 -17.28
N LYS A 334 7.67 -38.32 -17.96
CA LYS A 334 7.58 -39.70 -18.43
C LYS A 334 7.71 -40.70 -17.30
N LEU A 335 8.43 -40.35 -16.23
CA LEU A 335 8.66 -41.22 -15.09
C LEU A 335 7.88 -40.67 -13.90
N LYS A 336 6.59 -41.06 -13.83
CA LYS A 336 5.73 -40.57 -12.77
C LYS A 336 6.25 -40.96 -11.40
N GLY A 337 6.31 -39.99 -10.49
CA GLY A 337 6.72 -40.24 -9.13
C GLY A 337 8.23 -40.25 -8.92
N GLN A 338 8.97 -40.58 -9.96
CA GLN A 338 10.42 -40.65 -9.85
C GLN A 338 11.03 -39.25 -9.77
N VAL A 339 12.13 -39.14 -9.04
CA VAL A 339 12.78 -37.86 -8.76
C VAL A 339 13.95 -37.69 -9.72
N LEU A 340 14.08 -36.48 -10.28
CA LEU A 340 15.17 -36.14 -11.19
C LEU A 340 15.86 -34.89 -10.69
N SER A 341 17.18 -34.95 -10.54
CA SER A 341 17.97 -33.81 -10.11
C SER A 341 18.79 -33.27 -11.29
N VAL A 342 18.88 -31.94 -11.36
CA VAL A 342 19.60 -31.26 -12.42
C VAL A 342 20.29 -30.03 -11.83
N MET A 343 21.51 -29.76 -12.29
CA MET A 343 22.27 -28.61 -11.82
C MET A 343 22.40 -27.60 -12.96
N PHE A 344 22.09 -26.34 -12.68
CA PHE A 344 22.16 -25.32 -13.72
C PHE A 344 22.44 -23.96 -13.09
N ARG A 345 22.60 -22.95 -13.95
CA ARG A 345 22.91 -21.60 -13.52
C ARG A 345 21.65 -20.75 -13.58
N PHE A 346 21.19 -20.31 -12.42
CA PHE A 346 20.04 -19.42 -12.27
C PHE A 346 20.56 -18.00 -12.11
N ARG A 347 20.04 -17.07 -12.90
CA ARG A 347 20.50 -15.69 -12.82
C ARG A 347 19.68 -14.96 -11.76
N SER A 348 20.33 -14.68 -10.61
CA SER A 348 19.71 -13.90 -9.57
C SER A 348 19.38 -12.49 -10.08
N LYS A 349 18.61 -11.75 -9.28
CA LYS A 349 18.20 -10.42 -9.70
C LYS A 349 19.36 -9.43 -9.71
N ASN A 350 20.47 -9.76 -9.04
CA ASN A 350 21.70 -8.99 -9.22
C ASN A 350 22.36 -9.25 -10.55
N GLN A 351 21.65 -9.99 -11.41
CA GLN A 351 22.19 -10.45 -12.70
C GLN A 351 23.45 -11.28 -12.50
N GLU A 352 23.48 -12.04 -11.42
CA GLU A 352 24.59 -12.92 -11.08
C GLU A 352 24.18 -14.38 -11.28
N TRP A 353 25.14 -15.20 -11.70
CA TRP A 353 24.89 -16.61 -11.97
C TRP A 353 25.12 -17.41 -10.68
N LEU A 354 24.09 -18.13 -10.25
CA LEU A 354 24.16 -18.99 -9.08
C LEU A 354 23.98 -20.44 -9.53
N TRP A 355 24.84 -21.32 -9.02
CA TRP A 355 24.68 -22.74 -9.31
C TRP A 355 23.61 -23.33 -8.40
N MET A 356 22.64 -24.01 -9.00
CA MET A 356 21.48 -24.51 -8.28
C MET A 356 21.24 -25.97 -8.65
N ARG A 357 20.88 -26.75 -7.64
CA ARG A 357 20.44 -28.13 -7.83
C ARG A 357 18.92 -28.18 -7.64
N THR A 358 18.23 -28.69 -8.66
CA THR A 358 16.78 -28.77 -8.70
C THR A 358 16.38 -30.24 -8.67
N SER A 359 15.52 -30.61 -7.73
CA SER A 359 14.96 -31.94 -7.65
C SER A 359 13.47 -31.87 -8.00
N SER A 360 13.09 -32.59 -9.04
CA SER A 360 11.75 -32.50 -9.61
C SER A 360 11.05 -33.86 -9.53
N PHE A 361 9.74 -33.82 -9.30
CA PHE A 361 8.90 -35.00 -9.46
C PHE A 361 7.48 -34.53 -9.77
N THR A 362 6.59 -35.48 -10.03
CA THR A 362 5.24 -35.17 -10.46
C THR A 362 4.23 -35.53 -9.38
N PHE A 363 3.20 -34.69 -9.23
CA PHE A 363 2.08 -34.94 -8.34
C PHE A 363 0.96 -35.57 -9.16
N GLN A 364 0.51 -36.75 -8.74
CA GLN A 364 -0.50 -37.51 -9.45
C GLN A 364 -1.85 -37.35 -8.79
N ASN A 365 -2.88 -37.13 -9.60
CA ASN A 365 -4.25 -37.10 -9.12
C ASN A 365 -4.63 -38.47 -8.58
N PRO A 366 -4.99 -38.59 -7.29
CA PRO A 366 -5.19 -39.93 -6.71
C PRO A 366 -6.33 -40.74 -7.33
N TYR A 367 -7.17 -40.14 -8.17
CA TYR A 367 -8.22 -40.89 -8.85
C TYR A 367 -7.86 -41.22 -10.29
N SER A 368 -7.39 -40.24 -11.05
CA SER A 368 -7.11 -40.43 -12.48
C SER A 368 -5.64 -40.66 -12.78
N ASP A 369 -4.76 -40.52 -11.79
CA ASP A 369 -3.31 -40.66 -11.96
C ASP A 369 -2.72 -39.68 -12.96
N GLU A 370 -3.48 -38.65 -13.35
CA GLU A 370 -2.95 -37.62 -14.22
C GLU A 370 -2.09 -36.64 -13.42
N ILE A 371 -1.24 -35.91 -14.13
CA ILE A 371 -0.30 -35.01 -13.49
C ILE A 371 -0.99 -33.68 -13.21
N GLU A 372 -0.92 -33.23 -11.96
CA GLU A 372 -1.43 -31.91 -11.61
C GLU A 372 -0.38 -30.83 -11.81
N TYR A 373 0.87 -31.09 -11.43
CA TYR A 373 1.97 -30.16 -11.63
C TYR A 373 3.27 -30.89 -11.28
N ILE A 374 4.38 -30.18 -11.46
CA ILE A 374 5.72 -30.67 -11.15
C ILE A 374 6.23 -29.93 -9.92
N ILE A 375 6.62 -30.67 -8.90
CA ILE A 375 7.19 -30.10 -7.69
C ILE A 375 8.71 -30.10 -7.82
N CYS A 376 9.31 -28.93 -7.61
CA CYS A 376 10.74 -28.76 -7.67
C CYS A 376 11.23 -28.18 -6.36
N THR A 377 12.34 -28.71 -5.86
CA THR A 377 13.08 -28.12 -4.75
C THR A 377 14.40 -27.61 -5.30
N ASN A 378 14.62 -26.30 -5.19
CA ASN A 378 15.78 -25.64 -5.76
C ASN A 378 16.69 -25.19 -4.63
N THR A 379 17.94 -25.65 -4.66
CA THR A 379 18.92 -25.41 -3.61
C THR A 379 20.16 -24.74 -4.18
N ASN A 380 20.72 -23.81 -3.41
CA ASN A 380 22.00 -23.20 -3.79
C ASN A 380 23.11 -24.23 -3.71
N VAL A 381 24.23 -23.91 -4.35
CA VAL A 381 25.38 -24.80 -4.35
C VAL A 381 26.62 -24.06 -3.84
N SER B 9 -9.67 50.23 35.80
CA SER B 9 -8.46 49.90 35.06
C SER B 9 -7.25 49.76 35.98
N ASN B 10 -6.14 49.32 35.40
CA ASN B 10 -4.83 49.24 36.03
C ASN B 10 -3.82 48.77 34.98
N PRO B 11 -2.54 49.14 35.10
CA PRO B 11 -1.60 48.88 33.99
C PRO B 11 -1.44 47.42 33.62
N SER B 12 -1.35 46.52 34.61
CA SER B 12 -1.18 45.10 34.31
C SER B 12 -2.30 44.60 33.41
N LYS B 13 -3.54 44.91 33.76
CA LYS B 13 -4.69 44.45 32.96
C LYS B 13 -4.70 45.10 31.59
N ARG B 14 -4.30 46.37 31.50
CA ARG B 14 -4.15 47.02 30.20
C ARG B 14 -3.21 46.24 29.30
N HIS B 15 -2.02 45.91 29.81
CA HIS B 15 -1.04 45.17 29.02
C HIS B 15 -1.54 43.79 28.63
N ARG B 16 -2.21 43.11 29.56
CA ARG B 16 -2.76 41.79 29.25
C ARG B 16 -3.83 41.89 28.18
N ASP B 17 -4.65 42.95 28.21
CA ASP B 17 -5.68 43.13 27.21
C ASP B 17 -5.08 43.38 25.83
N ARG B 18 -4.01 44.17 25.77
CA ARG B 18 -3.35 44.38 24.48
C ARG B 18 -2.73 43.09 23.96
N LEU B 19 -2.11 42.30 24.85
CA LEU B 19 -1.57 41.02 24.45
C LEU B 19 -2.65 40.10 23.89
N ASN B 20 -3.80 40.04 24.58
CA ASN B 20 -4.89 39.19 24.12
C ASN B 20 -5.48 39.69 22.81
N THR B 21 -5.51 41.00 22.60
CA THR B 21 -5.99 41.54 21.34
C THR B 21 -5.09 41.10 20.18
N GLU B 22 -3.77 41.23 20.37
CA GLU B 22 -2.84 40.78 19.35
C GLU B 22 -2.96 39.28 19.12
N LEU B 23 -3.19 38.51 20.19
CA LEU B 23 -3.35 37.06 20.05
C LEU B 23 -4.62 36.73 19.26
N ASP B 24 -5.71 37.44 19.50
CA ASP B 24 -6.94 37.19 18.77
C ASP B 24 -6.79 37.56 17.30
N ARG B 25 -6.06 38.65 17.02
CA ARG B 25 -5.83 39.01 15.62
C ARG B 25 -4.93 38.00 14.93
N LEU B 26 -3.99 37.39 15.67
CA LEU B 26 -3.21 36.28 15.12
C LEU B 26 -4.09 35.08 14.82
N ALA B 27 -5.02 34.78 15.73
CA ALA B 27 -5.90 33.64 15.54
C ALA B 27 -6.82 33.83 14.33
N SER B 28 -7.26 35.08 14.10
CA SER B 28 -8.18 35.35 13.02
C SER B 28 -7.56 35.04 11.65
N LEU B 29 -6.23 35.14 11.54
CA LEU B 29 -5.56 34.98 10.27
C LEU B 29 -5.06 33.56 10.01
N LEU B 30 -5.17 32.67 10.99
CA LEU B 30 -4.69 31.30 10.80
C LEU B 30 -5.51 30.60 9.72
N PRO B 31 -4.86 29.88 8.80
CA PRO B 31 -5.57 29.26 7.67
C PRO B 31 -6.30 27.98 8.06
N PHE B 32 -7.26 28.12 8.97
CA PHE B 32 -8.08 27.03 9.45
C PHE B 32 -9.53 27.45 9.45
N PRO B 33 -10.46 26.50 9.41
CA PRO B 33 -11.88 26.86 9.53
C PRO B 33 -12.17 27.55 10.86
N GLN B 34 -13.28 28.30 10.88
CA GLN B 34 -13.59 29.10 12.06
C GLN B 34 -13.90 28.24 13.28
N ASP B 35 -14.54 27.09 13.07
CA ASP B 35 -14.81 26.20 14.20
C ASP B 35 -13.54 25.62 14.80
N VAL B 36 -12.46 25.55 14.01
CA VAL B 36 -11.18 25.10 14.55
C VAL B 36 -10.48 26.26 15.26
N ILE B 37 -10.61 27.48 14.75
CA ILE B 37 -9.96 28.62 15.37
C ILE B 37 -10.61 28.94 16.72
N ASN B 38 -11.93 28.77 16.81
CA ASN B 38 -12.62 29.08 18.05
C ASN B 38 -12.20 28.14 19.18
N LYS B 39 -11.99 26.87 18.88
CA LYS B 39 -11.58 25.91 19.92
C LYS B 39 -10.12 26.05 20.29
N LEU B 40 -9.35 26.87 19.59
CA LEU B 40 -7.92 26.98 19.85
C LEU B 40 -7.64 27.73 21.15
N ASP B 41 -6.54 27.36 21.79
CA ASP B 41 -6.02 28.05 22.95
C ASP B 41 -4.79 28.87 22.56
N LYS B 42 -4.56 29.95 23.31
CA LYS B 42 -3.57 30.96 22.91
C LYS B 42 -2.21 30.34 22.61
N LEU B 43 -1.79 29.36 23.40
CA LEU B 43 -0.49 28.74 23.18
C LEU B 43 -0.40 28.09 21.80
N SER B 44 -1.45 27.32 21.42
CA SER B 44 -1.44 26.71 20.08
C SER B 44 -1.77 27.73 19.00
N VAL B 45 -2.41 28.86 19.35
CA VAL B 45 -2.49 29.96 18.40
C VAL B 45 -1.10 30.40 17.99
N LEU B 46 -0.24 30.68 18.98
CA LEU B 46 1.14 31.05 18.67
C LEU B 46 1.87 29.91 17.95
N ARG B 47 1.64 28.67 18.39
CA ARG B 47 2.34 27.54 17.80
C ARG B 47 2.07 27.42 16.31
N LEU B 48 0.79 27.51 15.90
CA LEU B 48 0.46 27.34 14.49
C LEU B 48 0.71 28.61 13.69
N SER B 49 0.72 29.79 14.33
CA SER B 49 1.24 30.97 13.64
C SER B 49 2.70 30.75 13.26
N VAL B 50 3.52 30.31 14.22
CA VAL B 50 4.92 30.02 13.94
C VAL B 50 5.05 28.98 12.84
N SER B 51 4.24 27.91 12.92
CA SER B 51 4.35 26.83 11.95
C SER B 51 3.96 27.29 10.55
N TYR B 52 2.89 28.09 10.45
CA TYR B 52 2.50 28.65 9.16
C TYR B 52 3.61 29.52 8.58
N LEU B 53 4.25 30.35 9.42
CA LEU B 53 5.34 31.18 8.93
C LEU B 53 6.51 30.34 8.45
N ARG B 54 6.87 29.29 9.20
CA ARG B 54 7.98 28.43 8.79
C ARG B 54 7.66 27.73 7.47
N ALA B 55 6.43 27.23 7.32
CA ALA B 55 6.04 26.57 6.08
C ALA B 55 6.12 27.53 4.91
N LYS B 56 5.56 28.74 5.07
CA LYS B 56 5.56 29.70 3.98
C LYS B 56 6.99 30.12 3.63
N SER B 57 7.87 30.22 4.62
CA SER B 57 9.25 30.61 4.35
C SER B 57 9.99 29.50 3.61
N PHE B 58 9.71 28.24 3.93
CA PHE B 58 10.32 27.13 3.19
C PHE B 58 9.82 27.10 1.75
N PHE B 59 8.51 27.24 1.55
CA PHE B 59 7.94 27.24 0.21
C PHE B 59 8.37 28.46 -0.59
N ASP B 60 8.74 29.56 0.07
CA ASP B 60 9.19 30.75 -0.64
C ASP B 60 10.45 30.49 -1.44
N VAL B 61 11.28 29.54 -1.01
CA VAL B 61 12.53 29.26 -1.69
C VAL B 61 12.54 27.90 -2.38
N SER B 62 11.71 26.95 -1.98
CA SER B 62 11.75 25.64 -2.60
C SER B 62 10.71 25.43 -3.70
N LEU B 63 9.64 26.23 -3.73
CA LEU B 63 8.54 26.01 -4.66
C LEU B 63 8.45 27.15 -5.66
N LYS B 64 8.21 26.79 -6.92
CA LYS B 64 8.09 27.74 -8.05
C LYS B 64 9.22 28.77 -8.06
N GLY B 72 0.37 23.04 -13.55
CA GLY B 72 0.26 23.72 -14.82
C GLY B 72 0.07 22.77 -15.99
N VAL B 73 -1.10 22.82 -16.61
CA VAL B 73 -1.39 21.97 -17.75
C VAL B 73 -0.56 22.41 -18.94
N GLN B 74 -0.19 21.44 -19.79
CA GLN B 74 0.41 21.76 -21.07
C GLN B 74 -0.59 22.58 -21.89
N ASP B 75 -0.17 23.79 -22.29
CA ASP B 75 -1.02 24.62 -23.14
C ASP B 75 -1.41 23.92 -24.42
N ASN B 76 -0.65 22.88 -24.81
CA ASN B 76 -1.02 22.06 -25.95
C ASN B 76 -2.29 21.24 -25.69
N CYS B 77 -2.59 20.95 -24.42
CA CYS B 77 -3.69 20.07 -24.05
C CYS B 77 -4.53 20.67 -22.94
N ARG B 78 -4.84 21.96 -23.04
CA ARG B 78 -5.52 22.68 -21.96
C ARG B 78 -6.99 22.90 -22.30
N THR B 79 -7.87 22.29 -21.51
CA THR B 79 -9.30 22.57 -21.52
C THR B 79 -9.70 23.13 -20.15
N LYS B 80 -10.89 23.73 -20.10
CA LYS B 80 -11.37 24.32 -18.86
C LYS B 80 -11.50 23.26 -17.76
N PHE B 81 -12.08 22.12 -18.10
CA PHE B 81 -12.23 21.04 -17.12
C PHE B 81 -10.87 20.56 -16.63
N ARG B 82 -9.90 20.47 -17.54
CA ARG B 82 -8.55 20.09 -17.14
C ARG B 82 -7.91 21.14 -16.22
N GLU B 83 -8.20 22.41 -16.46
CA GLU B 83 -7.73 23.46 -15.55
C GLU B 83 -8.33 23.29 -14.17
N GLY B 84 -9.64 23.03 -14.10
CA GLY B 84 -10.28 22.79 -12.82
C GLY B 84 -9.68 21.60 -12.08
N LEU B 85 -9.40 20.52 -12.81
CA LEU B 85 -8.77 19.36 -12.18
C LEU B 85 -7.34 19.68 -11.73
N ASN B 86 -6.63 20.49 -12.50
CA ASN B 86 -5.27 20.88 -12.13
C ASN B 86 -5.26 21.73 -10.87
N LEU B 87 -6.30 22.54 -10.66
CA LEU B 87 -6.38 23.33 -9.44
C LEU B 87 -6.65 22.48 -8.19
N GLN B 88 -6.88 21.17 -8.35
CA GLN B 88 -7.10 20.26 -7.23
C GLN B 88 -6.13 19.08 -7.23
N GLU B 89 -5.27 18.98 -8.25
CA GLU B 89 -4.20 17.98 -8.33
C GLU B 89 -3.56 17.64 -6.99
N GLY B 90 -3.33 18.64 -6.14
CA GLY B 90 -2.71 18.37 -4.85
C GLY B 90 -3.58 17.53 -3.94
N GLU B 91 -4.86 17.92 -3.77
CA GLU B 91 -5.77 17.11 -2.98
C GLU B 91 -6.00 15.74 -3.60
N PHE B 92 -5.98 15.67 -4.94
CA PHE B 92 -6.10 14.38 -5.61
C PHE B 92 -4.95 13.46 -5.24
N LEU B 93 -3.72 13.98 -5.27
CA LEU B 93 -2.57 13.19 -4.83
C LEU B 93 -2.71 12.77 -3.38
N LEU B 94 -3.13 13.72 -2.52
CA LEU B 94 -3.28 13.41 -1.10
C LEU B 94 -4.27 12.28 -0.88
N GLN B 95 -5.38 12.28 -1.62
CA GLN B 95 -6.36 11.20 -1.49
C GLN B 95 -5.83 9.90 -2.07
N ALA B 96 -5.04 9.96 -3.14
CA ALA B 96 -4.47 8.76 -3.72
C ALA B 96 -3.33 8.19 -2.90
N LEU B 97 -2.84 8.93 -1.91
CA LEU B 97 -1.76 8.43 -1.07
C LEU B 97 -2.14 7.17 -0.31
N ASN B 98 -3.40 7.05 0.09
CA ASN B 98 -3.84 6.03 1.05
C ASN B 98 -2.99 6.09 2.31
N GLY B 99 -3.05 7.25 2.97
CA GLY B 99 -2.23 7.52 4.13
C GLY B 99 -2.13 9.01 4.38
N PHE B 100 -0.95 9.48 4.79
CA PHE B 100 -0.80 10.91 5.02
C PHE B 100 0.65 11.32 4.79
N VAL B 101 0.86 12.63 4.74
CA VAL B 101 2.19 13.23 4.58
C VAL B 101 2.74 13.56 5.95
N LEU B 102 4.04 13.36 6.12
CA LEU B 102 4.75 13.80 7.32
C LEU B 102 6.04 14.46 6.90
N VAL B 103 6.30 15.64 7.46
CA VAL B 103 7.58 16.32 7.29
C VAL B 103 8.08 16.65 8.68
N VAL B 104 9.23 16.09 9.04
CA VAL B 104 9.76 16.12 10.40
C VAL B 104 11.15 16.76 10.37
N THR B 105 11.37 17.74 11.25
CA THR B 105 12.67 18.40 11.32
C THR B 105 13.67 17.53 12.08
N THR B 106 14.91 18.02 12.17
CA THR B 106 15.95 17.28 12.88
C THR B 106 15.67 17.24 14.38
N ASP B 107 14.98 18.25 14.91
CA ASP B 107 14.54 18.24 16.31
C ASP B 107 13.37 17.31 16.57
N ALA B 108 13.06 16.43 15.61
CA ALA B 108 11.90 15.55 15.67
C ALA B 108 10.59 16.32 15.79
N LEU B 109 10.59 17.58 15.35
CA LEU B 109 9.37 18.38 15.32
C LEU B 109 8.64 18.12 14.02
N VAL B 110 7.30 18.09 14.10
CA VAL B 110 6.47 17.88 12.92
C VAL B 110 6.41 19.20 12.16
N PHE B 111 7.21 19.31 11.10
CA PHE B 111 7.10 20.48 10.22
C PHE B 111 5.73 20.52 9.56
N TYR B 112 5.18 19.36 9.19
CA TYR B 112 3.84 19.32 8.63
C TYR B 112 3.27 17.92 8.70
N ALA B 113 1.95 17.85 8.81
CA ALA B 113 1.19 16.61 8.65
C ALA B 113 -0.09 16.95 7.92
N SER B 114 -0.44 16.14 6.92
CA SER B 114 -1.65 16.41 6.16
C SER B 114 -2.89 16.10 6.99
N SER B 115 -4.03 16.59 6.53
CA SER B 115 -5.28 16.41 7.27
C SER B 115 -5.66 14.94 7.37
N THR B 116 -5.34 14.14 6.36
CA THR B 116 -5.73 12.74 6.34
C THR B 116 -5.09 11.93 7.46
N ILE B 117 -4.17 12.51 8.24
CA ILE B 117 -3.71 11.83 9.43
C ILE B 117 -4.88 11.53 10.36
N GLN B 118 -5.85 12.44 10.43
CA GLN B 118 -7.06 12.19 11.19
C GLN B 118 -7.83 11.00 10.65
N ASP B 119 -7.75 10.76 9.35
CA ASP B 119 -8.39 9.59 8.75
C ASP B 119 -7.74 8.29 9.19
N TYR B 120 -6.47 8.32 9.62
CA TYR B 120 -5.74 7.09 9.90
C TYR B 120 -5.30 6.94 11.35
N LEU B 121 -5.22 8.02 12.12
CA LEU B 121 -4.78 7.94 13.51
C LEU B 121 -5.71 8.63 14.49
N GLY B 122 -6.60 9.51 14.04
CA GLY B 122 -7.50 10.21 14.93
C GLY B 122 -6.96 11.51 15.50
N PHE B 123 -5.74 11.89 15.14
CA PHE B 123 -5.17 13.14 15.61
C PHE B 123 -5.55 14.28 14.69
N GLN B 124 -5.89 15.42 15.28
CA GLN B 124 -6.18 16.61 14.49
C GLN B 124 -4.90 17.21 13.94
N GLN B 125 -4.95 17.65 12.68
CA GLN B 125 -3.77 18.21 12.04
C GLN B 125 -3.23 19.41 12.80
N SER B 126 -4.12 20.28 13.29
CA SER B 126 -3.69 21.45 14.03
C SER B 126 -3.16 21.09 15.42
N ASP B 127 -3.47 19.90 15.92
CA ASP B 127 -2.90 19.47 17.19
C ASP B 127 -1.52 18.83 17.03
N VAL B 128 -1.16 18.43 15.81
CA VAL B 128 0.06 17.69 15.57
C VAL B 128 1.19 18.60 15.09
N ILE B 129 0.85 19.62 14.29
CA ILE B 129 1.87 20.44 13.66
C ILE B 129 2.70 21.17 14.70
N HIS B 130 4.02 21.21 14.49
CA HIS B 130 4.98 21.89 15.36
C HIS B 130 5.03 21.26 16.75
N GLN B 131 4.68 19.98 16.84
CA GLN B 131 4.79 19.22 18.07
C GLN B 131 5.79 18.08 17.87
N SER B 132 6.20 17.49 18.99
CA SER B 132 7.16 16.39 18.93
C SER B 132 6.57 15.19 18.21
N VAL B 133 7.37 14.56 17.36
CA VAL B 133 6.88 13.40 16.62
C VAL B 133 6.80 12.17 17.52
N TYR B 134 7.65 12.11 18.55
CA TYR B 134 7.68 10.93 19.41
C TYR B 134 6.39 10.77 20.19
N GLU B 135 5.66 11.87 20.44
CA GLU B 135 4.36 11.77 21.09
C GLU B 135 3.36 10.96 20.27
N LEU B 136 3.64 10.74 18.99
CA LEU B 136 2.77 9.95 18.14
C LEU B 136 3.28 8.54 17.89
N ILE B 137 4.53 8.24 18.27
CA ILE B 137 5.18 6.99 17.92
C ILE B 137 5.35 6.15 19.18
N HIS B 138 5.13 4.84 19.04
CA HIS B 138 5.33 3.91 20.15
C HIS B 138 6.75 3.99 20.67
N THR B 139 6.89 3.83 21.99
CA THR B 139 8.19 3.94 22.64
C THR B 139 9.21 2.97 22.04
N GLU B 140 8.84 1.68 21.96
CA GLU B 140 9.74 0.65 21.47
C GLU B 140 10.28 0.93 20.07
N ASP B 141 9.63 1.82 19.33
CA ASP B 141 10.06 2.15 17.98
C ASP B 141 10.74 3.50 17.86
N ARG B 142 10.63 4.36 18.88
CA ARG B 142 11.13 5.73 18.76
C ARG B 142 12.60 5.76 18.34
N ALA B 143 13.42 4.94 19.02
CA ALA B 143 14.84 4.83 18.67
C ALA B 143 15.01 4.61 17.18
N GLU B 144 14.30 3.63 16.62
CA GLU B 144 14.40 3.35 15.19
C GLU B 144 14.16 4.62 14.37
N PHE B 145 13.07 5.33 14.68
CA PHE B 145 12.76 6.56 13.94
C PHE B 145 13.94 7.53 13.98
N GLN B 146 14.57 7.67 15.16
CA GLN B 146 15.70 8.58 15.27
C GLN B 146 16.80 8.21 14.29
N ARG B 147 17.09 6.91 14.15
CA ARG B 147 18.16 6.49 13.25
C ARG B 147 17.83 6.82 11.81
N GLN B 148 16.54 6.88 11.46
CA GLN B 148 16.16 7.26 10.11
C GLN B 148 16.24 8.75 9.89
N LEU B 149 16.22 9.56 10.95
CA LEU B 149 16.27 11.01 10.82
C LEU B 149 17.68 11.54 10.61
N HIS B 150 18.70 10.72 10.83
CA HIS B 150 20.09 11.17 10.73
C HIS B 150 20.92 10.23 9.88
N MET B 190 20.07 9.02 1.17
CA MET B 190 19.05 10.05 1.22
C MET B 190 17.64 9.44 1.25
N GLU B 191 17.42 8.45 0.40
CA GLU B 191 16.13 7.78 0.36
C GLU B 191 15.91 6.95 1.62
N ARG B 192 14.65 6.83 2.01
CA ARG B 192 14.29 6.18 3.27
C ARG B 192 13.04 5.34 3.09
N CYS B 193 13.05 4.15 3.68
CA CYS B 193 11.91 3.23 3.61
C CYS B 193 11.95 2.36 4.86
N PHE B 194 10.96 2.49 5.73
CA PHE B 194 10.98 1.75 7.00
C PHE B 194 9.55 1.60 7.51
N VAL B 195 9.42 1.06 8.73
CA VAL B 195 8.14 0.78 9.36
C VAL B 195 8.15 1.33 10.78
N CYS B 196 7.00 1.81 11.24
CA CYS B 196 6.88 2.32 12.60
C CYS B 196 5.45 2.18 13.09
N ARG B 197 5.30 2.01 14.40
CA ARG B 197 3.99 1.90 15.03
C ARG B 197 3.62 3.26 15.62
N LEU B 198 2.57 3.87 15.08
CA LEU B 198 2.09 5.17 15.54
C LEU B 198 0.79 5.01 16.30
N ARG B 199 0.60 5.84 17.32
CA ARG B 199 -0.62 5.76 18.13
C ARG B 199 -1.84 6.05 17.27
N CYS B 200 -2.87 5.23 17.44
CA CYS B 200 -4.12 5.36 16.67
C CYS B 200 -5.26 5.52 17.66
N LEU B 201 -5.75 6.75 17.80
CA LEU B 201 -6.88 7.03 18.69
C LEU B 201 -8.18 6.41 18.21
N LEU B 202 -8.18 5.76 17.05
CA LEU B 202 -9.37 5.08 16.53
C LEU B 202 -9.47 3.64 17.00
N ASP B 203 -8.58 3.20 17.90
CA ASP B 203 -8.75 1.88 18.51
C ASP B 203 -9.82 1.90 19.59
N GLY B 207 -3.67 1.15 21.78
CA GLY B 207 -4.10 1.31 20.41
C GLY B 207 -3.04 1.90 19.50
N PHE B 208 -2.55 1.10 18.56
CA PHE B 208 -1.50 1.52 17.66
C PHE B 208 -1.74 0.96 16.28
N LEU B 209 -1.04 1.52 15.30
CA LEU B 209 -1.11 1.05 13.91
C LEU B 209 0.29 1.05 13.34
N ALA B 210 0.67 -0.07 12.72
CA ALA B 210 1.96 -0.17 12.04
C ALA B 210 1.82 0.39 10.64
N MET B 211 2.78 1.23 10.24
CA MET B 211 2.72 1.94 8.98
C MET B 211 4.09 1.97 8.33
N ASN B 212 4.10 1.84 7.00
CA ASN B 212 5.29 1.99 6.19
C ASN B 212 5.49 3.45 5.86
N PHE B 213 6.67 3.98 6.19
CA PHE B 213 7.09 5.33 5.83
C PHE B 213 8.03 5.22 4.64
N GLN B 214 7.68 5.89 3.55
CA GLN B 214 8.55 6.01 2.38
C GLN B 214 8.82 7.48 2.13
N GLY B 215 10.09 7.87 2.15
CA GLY B 215 10.39 9.28 2.00
C GLY B 215 11.85 9.52 1.70
N ARG B 216 12.28 10.75 2.00
CA ARG B 216 13.63 11.20 1.71
C ARG B 216 14.06 12.20 2.77
N LEU B 217 15.35 12.50 2.79
CA LEU B 217 15.93 13.52 3.66
C LEU B 217 16.37 14.69 2.78
N LYS B 218 15.73 15.85 2.97
CA LYS B 218 16.03 17.03 2.18
C LYS B 218 16.19 18.23 3.09
N TYR B 219 17.01 19.18 2.66
CA TYR B 219 17.31 20.34 3.48
C TYR B 219 16.06 21.22 3.63
N LEU B 220 15.67 21.49 4.87
CA LEU B 220 14.51 22.33 5.17
C LEU B 220 14.98 23.78 5.19
N HIS B 221 14.91 24.42 4.02
CA HIS B 221 15.41 25.78 3.85
C HIS B 221 14.52 26.78 4.58
N GLY B 222 15.04 28.00 4.70
CA GLY B 222 14.27 29.14 5.18
C GLY B 222 13.75 29.05 6.60
N GLN B 223 14.52 28.46 7.51
CA GLN B 223 14.11 28.34 8.91
C GLN B 223 14.81 29.35 9.82
N ASN B 224 15.85 30.03 9.33
CA ASN B 224 16.52 31.12 10.03
C ASN B 224 16.86 30.73 11.47
N LYS B 225 17.58 29.62 11.61
CA LYS B 225 18.08 29.19 12.89
C LYS B 225 19.38 29.92 13.23
N LYS B 226 19.69 29.96 14.52
CA LYS B 226 20.90 30.64 14.98
C LYS B 226 21.33 30.12 16.35
N ILE B 232 23.96 32.91 11.58
CA ILE B 232 22.82 32.12 11.14
C ILE B 232 23.28 30.72 10.71
N LEU B 233 22.57 29.70 11.19
CA LEU B 233 22.95 28.33 10.92
C LEU B 233 22.47 27.88 9.55
N PRO B 234 23.14 26.88 8.95
CA PRO B 234 22.68 26.34 7.67
C PRO B 234 21.45 25.48 7.86
N PRO B 235 20.70 25.21 6.79
CA PRO B 235 19.51 24.37 6.92
C PRO B 235 19.88 22.95 7.33
N GLN B 236 18.95 22.30 8.02
CA GLN B 236 19.14 20.92 8.47
C GLN B 236 18.25 19.99 7.66
N LEU B 237 18.60 18.70 7.70
CA LEU B 237 17.88 17.69 6.93
C LEU B 237 16.58 17.35 7.62
N ALA B 238 15.46 17.53 6.92
CA ALA B 238 14.15 17.11 7.36
C ALA B 238 13.69 15.90 6.54
N LEU B 239 12.92 15.04 7.19
CA LEU B 239 12.35 13.86 6.54
C LEU B 239 11.02 14.23 5.91
N PHE B 240 10.92 14.10 4.59
CA PHE B 240 9.69 14.24 3.84
C PHE B 240 9.23 12.83 3.48
N ALA B 241 8.16 12.35 4.11
CA ALA B 241 7.76 10.96 3.95
C ALA B 241 6.25 10.86 3.81
N ILE B 242 5.82 9.74 3.23
CA ILE B 242 4.43 9.34 3.19
C ILE B 242 4.27 8.13 4.08
N ALA B 243 3.30 8.18 4.99
CA ALA B 243 2.98 7.09 5.88
C ALA B 243 1.72 6.40 5.37
N THR B 244 1.80 5.09 5.15
CA THR B 244 0.69 4.29 4.68
C THR B 244 0.51 3.07 5.55
N PRO B 245 -0.72 2.60 5.73
CA PRO B 245 -0.94 1.42 6.59
C PRO B 245 -0.26 0.18 6.04
N LEU B 246 -0.10 -0.81 6.93
CA LEU B 246 0.54 -2.07 6.55
C LEU B 246 -0.46 -2.99 5.88
N GLN B 247 -0.05 -3.57 4.78
CA GLN B 247 -0.85 -4.57 4.08
C GLN B 247 -0.94 -5.84 4.92
N PRO B 248 -2.14 -6.30 5.27
CA PRO B 248 -2.25 -7.63 5.87
C PRO B 248 -1.75 -8.69 4.91
N PRO B 249 -1.24 -9.80 5.43
CA PRO B 249 -0.68 -10.83 4.55
C PRO B 249 -1.72 -11.31 3.55
N SER B 250 -1.22 -11.79 2.40
CA SER B 250 -2.10 -12.25 1.33
C SER B 250 -2.97 -13.40 1.83
N ILE B 251 -4.05 -13.03 2.52
CA ILE B 251 -4.93 -13.96 3.21
C ILE B 251 -6.35 -13.41 3.07
N LEU B 252 -7.34 -14.31 3.08
CA LEU B 252 -8.74 -13.93 3.04
C LEU B 252 -9.47 -14.64 4.18
N GLU B 253 -10.00 -13.87 5.12
CA GLU B 253 -10.71 -14.41 6.27
C GLU B 253 -12.12 -13.81 6.31
N ILE B 254 -13.10 -14.60 5.89
CA ILE B 254 -14.49 -14.17 5.93
C ILE B 254 -14.92 -14.03 7.39
N ARG B 255 -15.29 -12.82 7.79
CA ARG B 255 -15.75 -12.58 9.15
C ARG B 255 -17.26 -12.73 9.30
N THR B 256 -18.00 -12.82 8.20
CA THR B 256 -19.43 -13.07 8.28
C THR B 256 -19.67 -14.47 8.83
N LYS B 257 -20.31 -14.55 10.00
CA LYS B 257 -20.53 -15.82 10.66
C LYS B 257 -21.48 -16.69 9.86
N ASN B 258 -21.48 -17.99 10.20
CA ASN B 258 -22.45 -18.95 9.66
C ASN B 258 -22.39 -19.03 8.14
N PHE B 259 -21.18 -19.15 7.61
CA PHE B 259 -20.98 -19.03 6.17
C PHE B 259 -20.50 -20.32 5.52
N ILE B 260 -21.22 -21.42 5.73
CA ILE B 260 -20.86 -22.69 5.13
C ILE B 260 -21.34 -22.71 3.67
N PHE B 261 -20.47 -23.15 2.77
CA PHE B 261 -20.80 -23.21 1.35
C PHE B 261 -20.40 -24.57 0.78
N ARG B 262 -21.13 -25.01 -0.25
CA ARG B 262 -20.91 -26.31 -0.85
C ARG B 262 -20.43 -26.16 -2.29
N THR B 263 -19.52 -27.05 -2.68
CA THR B 263 -19.04 -27.16 -4.05
C THR B 263 -19.26 -28.58 -4.55
N LYS B 264 -19.50 -28.70 -5.85
CA LYS B 264 -19.65 -29.98 -6.52
C LYS B 264 -18.45 -30.21 -7.42
N HIS B 265 -17.98 -31.45 -7.47
CA HIS B 265 -16.81 -31.79 -8.28
C HIS B 265 -17.06 -33.12 -8.98
N LYS B 266 -16.27 -33.38 -10.02
CA LYS B 266 -16.23 -34.73 -10.58
C LYS B 266 -15.20 -35.55 -9.81
N LEU B 267 -15.05 -36.82 -10.21
CA LEU B 267 -14.31 -37.77 -9.39
C LEU B 267 -12.84 -37.41 -9.25
N ASP B 268 -12.27 -36.65 -10.18
CA ASP B 268 -10.89 -36.18 -10.04
C ASP B 268 -10.80 -34.81 -9.37
N PHE B 269 -11.86 -34.41 -8.67
CA PHE B 269 -11.95 -33.15 -7.92
C PHE B 269 -11.92 -31.92 -8.81
N THR B 270 -12.27 -32.05 -10.09
CA THR B 270 -12.45 -30.87 -10.93
C THR B 270 -13.81 -30.25 -10.63
N PRO B 271 -13.86 -29.00 -10.15
CA PRO B 271 -15.15 -28.41 -9.79
C PRO B 271 -16.08 -28.30 -10.99
N THR B 272 -17.37 -28.44 -10.71
CA THR B 272 -18.42 -28.30 -11.70
C THR B 272 -19.59 -27.44 -11.23
N GLY B 273 -19.77 -27.25 -9.93
CA GLY B 273 -20.83 -26.41 -9.42
C GLY B 273 -20.42 -25.82 -8.08
N CYS B 274 -21.12 -24.74 -7.71
CA CYS B 274 -20.81 -24.02 -6.48
C CYS B 274 -21.96 -23.07 -6.16
N ASP B 275 -22.23 -22.89 -4.88
CA ASP B 275 -23.34 -22.06 -4.43
C ASP B 275 -22.90 -20.60 -4.31
N ALA B 276 -23.83 -19.76 -3.86
CA ALA B 276 -23.59 -18.32 -3.85
C ALA B 276 -22.51 -17.93 -2.85
N LYS B 277 -22.58 -18.46 -1.62
CA LYS B 277 -21.57 -18.15 -0.62
C LYS B 277 -20.19 -18.60 -1.08
N GLY B 278 -20.12 -19.69 -1.86
CA GLY B 278 -18.85 -20.09 -2.43
C GLY B 278 -18.30 -19.06 -3.39
N LYS B 279 -19.16 -18.50 -4.25
CA LYS B 279 -18.74 -17.41 -5.12
C LYS B 279 -18.28 -16.21 -4.31
N ILE B 280 -18.94 -15.94 -3.18
CA ILE B 280 -18.59 -14.77 -2.38
C ILE B 280 -17.23 -14.95 -1.72
N VAL B 281 -16.94 -16.15 -1.23
CA VAL B 281 -15.66 -16.36 -0.54
C VAL B 281 -14.53 -16.54 -1.53
N LEU B 282 -14.70 -17.41 -2.52
CA LEU B 282 -13.62 -17.74 -3.44
C LEU B 282 -13.45 -16.70 -4.54
N GLY B 283 -14.50 -15.94 -4.88
CA GLY B 283 -14.39 -14.87 -5.83
C GLY B 283 -14.47 -15.27 -7.29
N TYR B 284 -14.66 -16.55 -7.59
CA TYR B 284 -14.81 -17.00 -8.97
C TYR B 284 -16.29 -17.04 -9.36
N THR B 285 -16.55 -16.78 -10.63
CA THR B 285 -17.85 -17.12 -11.17
C THR B 285 -17.93 -18.63 -11.36
N GLU B 286 -19.16 -19.13 -11.50
CA GLU B 286 -19.36 -20.57 -11.59
C GLU B 286 -18.58 -21.18 -12.74
N ALA B 287 -18.59 -20.52 -13.90
CA ALA B 287 -17.79 -21.00 -15.02
C ALA B 287 -16.30 -20.91 -14.68
N GLU B 288 -15.87 -19.82 -14.04
CA GLU B 288 -14.45 -19.64 -13.76
C GLU B 288 -13.90 -20.76 -12.89
N LEU B 289 -14.72 -21.34 -12.03
CA LEU B 289 -14.24 -22.41 -11.16
C LEU B 289 -13.89 -23.67 -11.95
N CYS B 290 -14.67 -23.99 -12.97
CA CYS B 290 -14.57 -25.27 -13.67
C CYS B 290 -13.66 -25.24 -14.89
N MET B 291 -12.99 -24.12 -15.18
CA MET B 291 -12.14 -24.03 -16.37
C MET B 291 -10.66 -23.97 -16.04
N ARG B 292 -10.28 -24.19 -14.78
CA ARG B 292 -8.89 -24.04 -14.37
C ARG B 292 -8.32 -25.34 -13.80
N GLY B 293 -8.73 -26.48 -14.36
CA GLY B 293 -8.22 -27.76 -13.94
C GLY B 293 -8.96 -28.32 -12.74
N THR B 294 -8.33 -29.33 -12.14
CA THR B 294 -8.90 -29.95 -10.95
C THR B 294 -8.73 -29.04 -9.74
N GLY B 295 -9.34 -29.47 -8.64
CA GLY B 295 -9.22 -28.71 -7.40
C GLY B 295 -7.81 -28.64 -6.87
N TYR B 296 -6.94 -29.56 -7.30
CA TYR B 296 -5.55 -29.52 -6.85
C TYR B 296 -4.79 -28.34 -7.42
N GLN B 297 -5.31 -27.70 -8.47
CA GLN B 297 -4.76 -26.44 -8.94
C GLN B 297 -5.09 -25.29 -8.00
N PHE B 298 -5.96 -25.50 -7.03
CA PHE B 298 -6.41 -24.47 -6.10
C PHE B 298 -5.81 -24.61 -4.71
N ILE B 299 -5.00 -25.64 -4.47
CA ILE B 299 -4.58 -26.02 -3.13
C ILE B 299 -3.20 -25.46 -2.84
N HIS B 300 -3.04 -24.88 -1.64
CA HIS B 300 -1.73 -24.45 -1.18
C HIS B 300 -0.77 -25.63 -1.14
N ALA B 301 0.49 -25.38 -1.54
CA ALA B 301 1.46 -26.45 -1.63
C ALA B 301 1.77 -27.09 -0.29
N ALA B 302 1.44 -26.43 0.81
CA ALA B 302 1.61 -27.03 2.12
C ALA B 302 0.44 -27.94 2.50
N ASP B 303 -0.60 -28.00 1.68
CA ASP B 303 -1.76 -28.82 1.96
C ASP B 303 -2.05 -29.86 0.89
N MET B 304 -1.31 -29.86 -0.22
CA MET B 304 -1.61 -30.73 -1.34
C MET B 304 -1.60 -32.20 -0.94
N LEU B 305 -0.61 -32.61 -0.15
CA LEU B 305 -0.48 -34.03 0.18
C LEU B 305 -1.53 -34.48 1.17
N TYR B 306 -1.90 -33.61 2.13
CA TYR B 306 -3.00 -33.94 3.04
C TYR B 306 -4.30 -34.10 2.27
N CYS B 307 -4.56 -33.19 1.33
CA CYS B 307 -5.77 -33.28 0.51
C CYS B 307 -5.75 -34.54 -0.36
N ALA B 308 -4.57 -34.93 -0.85
CA ALA B 308 -4.49 -36.16 -1.62
C ALA B 308 -4.78 -37.38 -0.75
N GLU B 309 -4.23 -37.40 0.47
CA GLU B 309 -4.51 -38.49 1.39
C GLU B 309 -5.99 -38.58 1.72
N TYR B 310 -6.63 -37.44 1.96
CA TYR B 310 -8.05 -37.47 2.29
C TYR B 310 -8.92 -37.78 1.08
N HIS B 311 -8.46 -37.42 -0.12
CA HIS B 311 -9.14 -37.86 -1.34
C HIS B 311 -9.06 -39.38 -1.48
N VAL B 312 -7.91 -39.97 -1.17
CA VAL B 312 -7.79 -41.43 -1.17
C VAL B 312 -8.73 -42.03 -0.14
N ARG B 313 -8.80 -41.42 1.04
CA ARG B 313 -9.71 -41.91 2.07
C ARG B 313 -11.16 -41.88 1.60
N MET B 314 -11.55 -40.81 0.91
CA MET B 314 -12.92 -40.71 0.39
C MET B 314 -13.15 -41.72 -0.72
N ILE B 315 -12.15 -41.97 -1.56
CA ILE B 315 -12.28 -42.98 -2.61
C ILE B 315 -12.50 -44.36 -1.98
N LYS B 316 -11.82 -44.62 -0.86
CA LYS B 316 -11.88 -45.95 -0.26
C LYS B 316 -13.09 -46.15 0.63
N THR B 317 -13.61 -45.08 1.24
CA THR B 317 -14.71 -45.22 2.20
C THR B 317 -15.93 -44.35 1.90
N GLY B 318 -15.90 -43.56 0.83
CA GLY B 318 -17.00 -42.65 0.53
C GLY B 318 -17.00 -41.36 1.30
N GLU B 319 -16.34 -41.31 2.46
CA GLU B 319 -16.25 -40.11 3.28
C GLU B 319 -14.79 -39.76 3.47
N SER B 320 -14.48 -38.46 3.49
CA SER B 320 -13.11 -38.00 3.62
C SER B 320 -12.73 -37.71 5.07
N GLY B 321 -13.68 -37.28 5.89
CA GLY B 321 -13.36 -36.76 7.19
C GLY B 321 -12.95 -35.29 7.14
N MET B 322 -13.07 -34.63 8.28
CA MET B 322 -12.80 -33.19 8.34
C MET B 322 -11.32 -32.93 8.08
N ILE B 323 -11.03 -32.10 7.08
CA ILE B 323 -9.67 -31.70 6.77
C ILE B 323 -9.61 -30.18 6.76
N VAL B 324 -8.43 -29.63 7.06
CA VAL B 324 -8.22 -28.18 7.08
C VAL B 324 -7.14 -27.85 6.07
N PHE B 325 -7.45 -26.95 5.13
CA PHE B 325 -6.49 -26.60 4.10
C PHE B 325 -6.85 -25.26 3.49
N ARG B 326 -5.96 -24.73 2.66
CA ARG B 326 -6.10 -23.41 2.08
C ARG B 326 -6.45 -23.49 0.60
N LEU B 327 -7.36 -22.62 0.18
CA LEU B 327 -7.77 -22.50 -1.21
C LEU B 327 -7.32 -21.16 -1.77
N LEU B 328 -7.05 -21.15 -3.08
CA LEU B 328 -6.61 -19.95 -3.79
C LEU B 328 -7.83 -19.20 -4.33
N THR B 329 -8.01 -17.97 -3.85
CA THR B 329 -9.09 -17.12 -4.35
C THR B 329 -8.75 -16.58 -5.73
N LYS B 330 -9.65 -15.77 -6.29
CA LYS B 330 -9.36 -15.10 -7.55
C LYS B 330 -8.43 -13.91 -7.36
N ASP B 331 -8.39 -13.33 -6.17
CA ASP B 331 -7.38 -12.33 -5.84
C ASP B 331 -5.99 -12.94 -5.66
N ASN B 332 -5.86 -14.24 -5.90
CA ASN B 332 -4.62 -14.98 -5.63
C ASN B 332 -4.23 -14.90 -4.15
N ARG B 333 -5.22 -14.84 -3.28
CA ARG B 333 -5.03 -14.94 -1.85
C ARG B 333 -5.37 -16.35 -1.37
N TRP B 334 -4.85 -16.71 -0.20
CA TRP B 334 -5.14 -18.00 0.42
C TRP B 334 -6.20 -17.82 1.49
N THR B 335 -7.21 -18.68 1.49
CA THR B 335 -8.22 -18.67 2.53
C THR B 335 -8.37 -20.07 3.12
N TRP B 336 -8.45 -20.13 4.45
CA TRP B 336 -8.55 -21.41 5.15
C TRP B 336 -9.97 -21.94 5.08
N VAL B 337 -10.09 -23.26 4.98
CA VAL B 337 -11.38 -23.93 5.00
C VAL B 337 -11.23 -25.27 5.73
N GLN B 338 -12.24 -25.61 6.52
CA GLN B 338 -12.41 -26.96 7.07
C GLN B 338 -13.47 -27.64 6.22
N SER B 339 -13.06 -28.63 5.43
CA SER B 339 -13.89 -29.25 4.41
C SER B 339 -14.14 -30.70 4.72
N ASN B 340 -15.12 -31.25 3.99
CA ASN B 340 -15.60 -32.61 4.15
C ASN B 340 -16.15 -33.04 2.80
N ALA B 341 -15.58 -34.10 2.22
CA ALA B 341 -15.92 -34.54 0.87
C ALA B 341 -16.66 -35.87 0.95
N ARG B 342 -17.85 -35.91 0.36
CA ARG B 342 -18.67 -37.12 0.32
C ARG B 342 -18.83 -37.58 -1.12
N LEU B 343 -18.87 -38.90 -1.31
CA LEU B 343 -19.07 -39.49 -2.62
C LEU B 343 -20.55 -39.78 -2.83
N VAL B 344 -21.10 -39.25 -3.91
CA VAL B 344 -22.47 -39.53 -4.33
C VAL B 344 -22.41 -40.64 -5.37
N TYR B 345 -23.41 -41.50 -5.36
CA TYR B 345 -23.41 -42.69 -6.20
C TYR B 345 -24.55 -42.67 -7.21
N LYS B 346 -24.28 -43.25 -8.38
CA LYS B 346 -25.28 -43.50 -9.40
C LYS B 346 -25.21 -44.99 -9.74
N ASN B 347 -26.32 -45.70 -9.53
CA ASN B 347 -26.41 -47.14 -9.81
C ASN B 347 -25.29 -47.91 -9.12
N GLY B 348 -25.00 -47.54 -7.88
CA GLY B 348 -23.98 -48.21 -7.10
C GLY B 348 -22.54 -47.88 -7.48
N ARG B 349 -22.32 -46.99 -8.46
CA ARG B 349 -20.97 -46.61 -8.82
C ARG B 349 -20.75 -45.14 -8.52
N PRO B 350 -19.54 -44.75 -8.09
CA PRO B 350 -19.30 -43.33 -7.77
C PRO B 350 -19.56 -42.44 -8.98
N ASP B 351 -20.20 -41.29 -8.72
CA ASP B 351 -20.57 -40.36 -9.78
C ASP B 351 -19.86 -39.03 -9.62
N TYR B 352 -20.10 -38.31 -8.53
CA TYR B 352 -19.47 -37.01 -8.31
C TYR B 352 -19.21 -36.84 -6.81
N ILE B 353 -18.62 -35.69 -6.46
CA ILE B 353 -18.20 -35.39 -5.11
C ILE B 353 -18.93 -34.14 -4.65
N ILE B 354 -19.38 -34.14 -3.39
CA ILE B 354 -20.03 -32.99 -2.77
C ILE B 354 -19.15 -32.58 -1.58
N ALA B 355 -18.42 -31.48 -1.73
CA ALA B 355 -17.59 -30.96 -0.66
C ALA B 355 -18.33 -29.82 0.02
N THR B 356 -18.35 -29.83 1.35
CA THR B 356 -18.97 -28.77 2.14
C THR B 356 -17.90 -28.13 3.01
N GLN B 357 -17.70 -26.83 2.85
CA GLN B 357 -16.59 -26.11 3.45
C GLN B 357 -17.10 -25.00 4.35
N ARG B 358 -16.38 -24.78 5.45
CA ARG B 358 -16.62 -23.68 6.36
C ARG B 358 -15.35 -22.85 6.46
N PRO B 359 -15.38 -21.58 6.07
CA PRO B 359 -14.13 -20.78 6.08
C PRO B 359 -13.65 -20.52 7.50
N LEU B 360 -12.34 -20.54 7.67
CA LEU B 360 -11.71 -20.33 8.97
C LEU B 360 -10.90 -19.04 8.97
N THR B 361 -10.57 -18.59 10.17
CA THR B 361 -9.66 -17.48 10.34
C THR B 361 -8.21 -17.95 10.15
N ASP B 362 -7.28 -17.00 10.15
CA ASP B 362 -5.87 -17.37 10.08
C ASP B 362 -5.39 -17.98 11.40
N GLU B 363 -5.92 -17.48 12.51
CA GLU B 363 -5.49 -17.95 13.83
C GLU B 363 -5.78 -19.44 14.01
N GLU B 364 -7.06 -19.81 13.93
CA GLU B 364 -7.41 -21.22 14.08
C GLU B 364 -6.90 -22.07 12.92
N GLY B 365 -6.69 -21.47 11.75
CA GLY B 365 -6.07 -22.23 10.67
C GLY B 365 -4.66 -22.67 11.00
N LYS B 366 -3.84 -21.73 11.46
CA LYS B 366 -2.49 -22.09 11.90
C LYS B 366 -2.53 -22.99 13.12
N GLU B 367 -3.56 -22.86 13.97
CA GLU B 367 -3.70 -23.78 15.10
C GLU B 367 -3.90 -25.22 14.62
N HIS B 368 -4.85 -25.41 13.69
CA HIS B 368 -5.07 -26.73 13.11
C HIS B 368 -3.82 -27.25 12.43
N LEU B 369 -3.10 -26.38 11.72
CA LEU B 369 -1.86 -26.79 11.08
C LEU B 369 -0.82 -27.23 12.11
N ARG B 370 -0.74 -26.51 13.22
CA ARG B 370 0.27 -26.83 14.24
C ARG B 370 -0.08 -28.11 14.99
N LYS B 371 -1.36 -28.44 15.09
CA LYS B 371 -1.80 -29.70 15.69
C LYS B 371 -2.05 -30.77 14.64
N ARG B 372 -1.18 -30.86 13.63
CA ARG B 372 -1.45 -31.75 12.51
C ARG B 372 -1.26 -33.21 12.90
N THR B 373 -2.24 -34.03 12.54
CA THR B 373 -2.20 -35.47 12.75
C THR B 373 -1.06 -36.10 11.98
N LEU B 374 -1.20 -36.16 10.66
CA LEU B 374 -0.12 -36.59 9.80
C LEU B 374 0.92 -35.49 9.67
N LYS B 375 2.16 -35.92 9.54
CA LYS B 375 3.34 -35.05 9.35
C LYS B 375 3.85 -35.37 7.94
N LEU B 376 3.53 -34.53 6.96
CA LEU B 376 3.96 -34.80 5.58
C LEU B 376 4.94 -33.74 5.14
N PRO B 377 5.71 -33.95 4.05
CA PRO B 377 6.64 -32.96 3.56
C PRO B 377 5.88 -31.75 3.03
N PHE B 378 6.48 -30.56 3.15
CA PHE B 378 6.04 -29.19 2.77
C PHE B 378 4.98 -28.73 3.76
N MET B 379 5.01 -29.28 4.96
CA MET B 379 3.95 -28.97 5.90
C MET B 379 3.98 -27.52 6.34
N PHE B 380 5.16 -26.94 6.48
CA PHE B 380 5.31 -25.59 6.99
C PHE B 380 5.73 -24.60 5.90
N ALA B 381 5.57 -24.97 4.63
CA ALA B 381 5.95 -24.08 3.54
C ALA B 381 4.90 -23.00 3.35
N THR B 382 5.37 -21.79 3.02
CA THR B 382 4.51 -20.66 2.70
C THR B 382 4.92 -20.09 1.35
N GLY B 383 3.97 -19.50 0.65
CA GLY B 383 4.28 -18.92 -0.64
C GLY B 383 3.06 -18.37 -1.34
N GLU B 384 3.23 -18.10 -2.64
CA GLU B 384 2.18 -17.53 -3.47
C GLU B 384 1.99 -18.41 -4.70
N ALA B 385 0.86 -18.21 -5.38
CA ALA B 385 0.51 -19.05 -6.51
C ALA B 385 -0.29 -18.25 -7.53
N VAL B 386 -0.43 -18.84 -8.72
CA VAL B 386 -1.27 -18.32 -9.79
C VAL B 386 -2.05 -19.48 -10.40
N LEU B 387 -3.07 -19.14 -11.18
CA LEU B 387 -3.95 -20.15 -11.75
C LEU B 387 -4.43 -19.70 -13.13
N TYR B 388 -4.32 -20.59 -14.12
CA TYR B 388 -4.69 -20.30 -15.50
C TYR B 388 -5.73 -21.30 -15.99
N GLU B 389 -6.40 -20.94 -17.08
CA GLU B 389 -7.34 -21.86 -17.73
C GLU B 389 -6.65 -22.60 -18.88
#